data_9QQ1
#
_entry.id   9QQ1
#
_cell.length_a   40.242
_cell.length_b   52.993
_cell.length_c   89.772
_cell.angle_alpha   90
_cell.angle_beta   90
_cell.angle_gamma   90
#
_symmetry.space_group_name_H-M   'P 21 21 21'
#
loop_
_entity.id
_entity.type
_entity.pdbx_description
1 polymer 'Isoform 2B of GTPase KRas'
2 non-polymer 'MAGNESIUM ION'
3 non-polymer '(2~{S})-4-[(1~{R},5~{S})-3-[7-(8-ethynyl-7-fluoranyl-3-oxidanyl-naphthalen-1-yl)-8-fluoranyl-2-[[(2~{R},8~{S})-2-fluoranyl-1,2,3,5,6,7-hexahydropyrrolizin-8-yl]methoxy]pyrido[4,3-d]pyrimidin-4-yl]-3,8-diazabicyclo[3.2.1]octan-8-yl]-2-methyl-2-(oxan-4-ylmethyl)-4-oxidanylidene-butanoic acid'
4 non-polymer "GUANOSINE-5'-DIPHOSPHATE"
5 water water
#
_entity_poly.entity_id   1
_entity_poly.type   'polypeptide(L)'
_entity_poly.pdbx_seq_one_letter_code
;GMTEYKLVVVGADGVGKSALTIQLIQNHFVDEYDPTIEDSYRKQVVIDGETSLLDILDTAGQEEYSAMRDQYMRTGEGFL
LVFAINNTKSFEDIHHYREQIKRVKDSEDVPMVLVGNKSDLPSRTVDTKQAQDLARSYGIPFIETSAKTRQGVDDAFYTL
VREIRKHKEK
;
_entity_poly.pdbx_strand_id   A
#
loop_
_chem_comp.id
_chem_comp.type
_chem_comp.name
_chem_comp.formula
A1I9F non-polymer '(2~{S})-4-[(1~{R},5~{S})-3-[7-(8-ethynyl-7-fluoranyl-3-oxidanyl-naphthalen-1-yl)-8-fluoranyl-2-[[(2~{R},8~{S})-2-fluoranyl-1,2,3,5,6,7-hexahydropyrrolizin-8-yl]methoxy]pyrido[4,3-d]pyrimidin-4-yl]-3,8-diazabicyclo[3.2.1]octan-8-yl]-2-methyl-2-(oxan-4-ylmethyl)-4-oxidanylidene-butanoic acid' 'C44 H47 F3 N6 O6'
GDP RNA linking GUANOSINE-5'-DIPHOSPHATE 'C10 H15 N5 O11 P2'
MG non-polymer 'MAGNESIUM ION' 'Mg 2'
#
# COMPACT_ATOMS: atom_id res chain seq x y z
N THR A 3 3.52 -18.93 8.59
CA THR A 3 2.49 -17.96 8.18
C THR A 3 3.06 -16.95 7.17
N GLU A 4 2.39 -16.74 6.08
CA GLU A 4 2.83 -15.82 5.03
C GLU A 4 1.69 -14.91 4.63
N TYR A 5 2.04 -13.65 4.32
CA TYR A 5 1.08 -12.63 3.92
C TYR A 5 1.55 -12.02 2.61
N LYS A 6 0.69 -12.00 1.59
CA LYS A 6 1.00 -11.42 0.28
C LYS A 6 0.45 -9.96 0.27
N LEU A 7 1.35 -9.00 0.34
CA LEU A 7 0.95 -7.60 0.42
C LEU A 7 1.30 -6.90 -0.89
N VAL A 8 0.43 -6.07 -1.39
CA VAL A 8 0.64 -5.39 -2.67
C VAL A 8 0.57 -3.90 -2.46
N VAL A 9 1.54 -3.15 -2.99
CA VAL A 9 1.62 -1.71 -2.81
C VAL A 9 1.19 -1.07 -4.13
N VAL A 10 0.13 -0.25 -4.08
CA VAL A 10 -0.43 0.35 -5.29
C VAL A 10 -0.62 1.84 -5.07
N GLY A 11 -0.81 2.54 -6.19
CA GLY A 11 -0.96 4.00 -6.18
C GLY A 11 -0.22 4.62 -7.36
N ALA A 12 -0.41 5.89 -7.51
CA ALA A 12 0.10 6.66 -8.66
C ALA A 12 1.60 6.62 -8.75
N ASP A 13 2.12 7.00 -9.93
CA ASP A 13 3.55 7.10 -10.10
C ASP A 13 4.08 8.20 -9.18
N GLY A 14 5.21 7.90 -8.57
CA GLY A 14 5.97 8.87 -7.81
C GLY A 14 5.44 9.12 -6.40
N VAL A 15 4.53 8.30 -5.89
CA VAL A 15 4.03 8.54 -4.54
C VAL A 15 4.98 8.03 -3.45
N GLY A 16 5.87 7.10 -3.82
CA GLY A 16 6.78 6.53 -2.84
C GLY A 16 6.54 5.05 -2.63
N LYS A 17 5.88 4.33 -3.53
CA LYS A 17 5.72 2.88 -3.32
C LYS A 17 7.04 2.16 -3.17
N SER A 18 7.99 2.45 -4.04
CA SER A 18 9.26 1.75 -3.96
C SER A 18 10.06 2.20 -2.75
N ALA A 19 10.00 3.52 -2.44
CA ALA A 19 10.75 3.99 -1.29
C ALA A 19 10.17 3.39 -0.01
N LEU A 20 8.84 3.26 0.11
CA LEU A 20 8.30 2.63 1.33
C LEU A 20 8.70 1.16 1.41
N THR A 21 8.66 0.45 0.27
CA THR A 21 9.04 -0.95 0.23
C THR A 21 10.50 -1.12 0.64
N ILE A 22 11.36 -0.32 0.06
CA ILE A 22 12.79 -0.43 0.37
C ILE A 22 13.08 -0.07 1.80
N GLN A 23 12.31 0.91 2.39
CA GLN A 23 12.55 1.15 3.82
C GLN A 23 12.18 -0.07 4.62
N LEU A 24 11.06 -0.73 4.34
CA LEU A 24 10.69 -1.91 5.12
C LEU A 24 11.69 -3.05 4.93
N ILE A 25 12.13 -3.29 3.70
CA ILE A 25 12.92 -4.48 3.39
C ILE A 25 14.39 -4.26 3.69
N GLN A 26 14.93 -3.14 3.18
CA GLN A 26 16.36 -2.86 3.15
C GLN A 26 16.83 -1.81 4.11
N ASN A 27 15.90 -1.20 4.91
CA ASN A 27 16.14 -0.23 5.97
C ASN A 27 16.95 1.03 5.57
N HIS A 28 16.68 1.56 4.39
CA HIS A 28 17.38 2.76 3.93
C HIS A 28 16.44 3.53 3.02
N PHE A 29 16.70 4.83 2.86
CA PHE A 29 15.86 5.62 1.98
C PHE A 29 16.51 5.67 0.64
N VAL A 30 15.90 5.06 -0.37
CA VAL A 30 16.48 5.05 -1.73
C VAL A 30 15.87 6.16 -2.54
N TYR A 33 15.05 4.93 -7.28
CA TYR A 33 14.68 3.56 -7.64
C TYR A 33 13.94 3.67 -8.97
N ASP A 34 14.43 2.96 -10.01
CA ASP A 34 13.87 2.95 -11.38
C ASP A 34 12.40 2.89 -11.37
N PRO A 35 11.77 4.00 -11.78
CA PRO A 35 10.32 4.08 -11.61
C PRO A 35 9.54 3.03 -12.35
N THR A 36 10.16 2.38 -13.38
CA THR A 36 9.40 1.43 -14.19
C THR A 36 9.44 0.00 -13.71
N ILE A 37 10.23 -0.28 -12.67
CA ILE A 37 10.45 -1.65 -12.23
C ILE A 37 9.47 -2.13 -11.21
N GLU A 38 8.82 -3.29 -11.49
CA GLU A 38 7.91 -3.94 -10.55
C GLU A 38 8.64 -5.16 -10.01
N ASP A 39 8.74 -5.28 -8.71
CA ASP A 39 9.50 -6.37 -8.10
C ASP A 39 8.87 -6.76 -6.81
N SER A 40 9.29 -7.91 -6.27
N SER A 40 9.31 -7.88 -6.24
CA SER A 40 8.81 -8.47 -5.02
CA SER A 40 8.81 -8.34 -4.98
C SER A 40 9.94 -8.75 -4.11
C SER A 40 9.93 -8.75 -4.08
N TYR A 41 9.66 -8.71 -2.80
CA TYR A 41 10.58 -8.95 -1.77
C TYR A 41 9.95 -9.75 -0.66
N ARG A 42 10.73 -10.44 0.13
CA ARG A 42 10.21 -11.13 1.33
C ARG A 42 10.95 -10.62 2.53
N LYS A 43 10.24 -10.53 3.66
CA LYS A 43 10.90 -10.23 4.92
C LYS A 43 10.22 -11.00 6.05
N GLN A 44 10.98 -11.56 6.94
CA GLN A 44 10.45 -12.27 8.11
C GLN A 44 10.32 -11.23 9.21
N VAL A 45 9.14 -11.14 9.84
CA VAL A 45 8.85 -10.13 10.88
C VAL A 45 8.11 -10.81 12.03
N VAL A 46 8.04 -10.16 13.19
CA VAL A 46 7.20 -10.62 14.29
C VAL A 46 6.23 -9.49 14.54
N ILE A 47 4.90 -9.75 14.43
CA ILE A 47 3.89 -8.71 14.60
C ILE A 47 2.91 -9.21 15.62
N ASP A 48 2.78 -8.50 16.76
CA ASP A 48 1.89 -8.96 17.83
C ASP A 48 2.19 -10.38 18.27
N GLY A 49 3.50 -10.70 18.29
CA GLY A 49 3.95 -11.98 18.78
C GLY A 49 3.98 -13.10 17.76
N GLU A 50 3.43 -12.84 16.56
CA GLU A 50 3.35 -13.88 15.55
C GLU A 50 4.44 -13.67 14.52
N THR A 51 5.26 -14.71 14.29
CA THR A 51 6.29 -14.65 13.26
C THR A 51 5.62 -14.91 11.92
N SER A 52 5.95 -14.10 10.95
CA SER A 52 5.40 -14.32 9.63
C SER A 52 6.32 -13.84 8.55
N LEU A 53 6.01 -14.27 7.35
CA LEU A 53 6.78 -13.85 6.19
C LEU A 53 5.92 -12.91 5.42
N LEU A 54 6.43 -11.71 5.18
CA LEU A 54 5.72 -10.76 4.34
C LEU A 54 6.28 -10.82 2.94
N ASP A 55 5.44 -11.06 1.98
CA ASP A 55 5.83 -11.02 0.57
C ASP A 55 5.26 -9.71 0.04
N ILE A 56 6.07 -8.78 -0.38
CA ILE A 56 5.62 -7.44 -0.79
C ILE A 56 5.84 -7.19 -2.24
N LEU A 57 4.77 -6.96 -2.99
CA LEU A 57 4.83 -6.66 -4.40
C LEU A 57 4.77 -5.15 -4.58
N ASP A 58 5.81 -4.55 -5.12
CA ASP A 58 5.91 -3.11 -5.33
C ASP A 58 5.54 -2.83 -6.80
N THR A 59 4.32 -2.36 -7.05
CA THR A 59 3.83 -2.29 -8.42
C THR A 59 4.39 -1.17 -9.25
N ALA A 60 4.49 -1.38 -10.57
CA ALA A 60 4.97 -0.36 -11.47
C ALA A 60 4.67 -0.82 -12.88
N GLY A 61 4.72 0.10 -13.83
CA GLY A 61 4.61 -0.24 -15.23
C GLY A 61 3.52 0.51 -15.91
N GLN A 62 3.28 0.18 -17.19
CA GLN A 62 2.24 0.83 -17.94
C GLN A 62 0.88 0.41 -17.40
N GLU A 63 -0.09 1.32 -17.54
CA GLU A 63 -1.45 1.00 -17.15
C GLU A 63 -2.01 0.02 -18.20
N GLU A 64 -2.14 -1.24 -17.81
N GLU A 64 -2.19 -1.22 -17.82
CA GLU A 64 -2.60 -2.32 -18.68
CA GLU A 64 -2.72 -2.23 -18.74
C GLU A 64 -3.50 -3.23 -17.86
C GLU A 64 -3.51 -3.23 -17.90
N TYR A 65 -4.52 -3.80 -18.50
CA TYR A 65 -5.43 -4.72 -17.85
C TYR A 65 -5.49 -5.92 -18.77
N SER A 66 -5.36 -7.07 -18.20
CA SER A 66 -5.30 -8.36 -18.89
C SER A 66 -5.59 -9.44 -17.89
N ALA A 67 -5.84 -10.66 -18.36
CA ALA A 67 -6.11 -11.80 -17.50
C ALA A 67 -4.93 -12.10 -16.61
N MET A 68 -3.69 -12.04 -17.15
CA MET A 68 -2.48 -12.30 -16.39
C MET A 68 -2.27 -11.24 -15.30
N ARG A 69 -2.55 -9.95 -15.61
N ARG A 69 -2.56 -9.98 -15.62
CA ARG A 69 -2.39 -8.91 -14.59
CA ARG A 69 -2.41 -8.90 -14.66
C ARG A 69 -3.48 -9.00 -13.54
C ARG A 69 -3.48 -8.99 -13.56
N ASP A 70 -4.74 -9.27 -13.93
CA ASP A 70 -5.83 -9.46 -12.96
C ASP A 70 -5.50 -10.65 -12.06
N GLN A 71 -4.87 -11.72 -12.64
CA GLN A 71 -4.41 -12.87 -11.85
C GLN A 71 -3.25 -12.52 -10.90
N TYR A 72 -2.24 -11.72 -11.32
CA TYR A 72 -1.14 -11.37 -10.40
C TYR A 72 -1.67 -10.48 -9.26
N MET A 73 -2.67 -9.63 -9.55
CA MET A 73 -3.23 -8.75 -8.51
C MET A 73 -4.14 -9.49 -7.55
N ARG A 74 -4.93 -10.44 -8.06
CA ARG A 74 -5.87 -11.27 -7.29
C ARG A 74 -5.19 -12.07 -6.18
N THR A 75 -3.94 -12.46 -6.39
CA THR A 75 -3.23 -13.21 -5.36
C THR A 75 -2.89 -12.37 -4.14
N GLY A 76 -2.94 -11.03 -4.25
CA GLY A 76 -2.67 -10.18 -3.08
C GLY A 76 -3.72 -10.39 -2.01
N GLU A 77 -3.29 -10.53 -0.79
CA GLU A 77 -4.20 -10.69 0.34
C GLU A 77 -4.57 -9.36 0.95
N GLY A 78 -3.65 -8.39 0.88
CA GLY A 78 -3.92 -7.05 1.40
C GLY A 78 -3.17 -6.04 0.55
N PHE A 79 -3.70 -4.83 0.52
CA PHE A 79 -3.21 -3.76 -0.36
C PHE A 79 -2.94 -2.49 0.37
N LEU A 80 -1.78 -1.87 0.14
CA LEU A 80 -1.57 -0.50 0.62
C LEU A 80 -1.97 0.43 -0.52
N LEU A 81 -2.83 1.39 -0.22
CA LEU A 81 -3.29 2.37 -1.23
C LEU A 81 -2.47 3.60 -0.87
N VAL A 82 -1.45 3.87 -1.67
CA VAL A 82 -0.52 4.95 -1.32
C VAL A 82 -0.78 6.14 -2.20
N PHE A 83 -0.89 7.33 -1.52
CA PHE A 83 -0.88 8.61 -2.21
C PHE A 83 0.23 9.44 -1.56
N ALA A 84 0.58 10.59 -2.16
CA ALA A 84 1.55 11.51 -1.57
C ALA A 84 0.80 12.77 -1.13
N ILE A 85 1.12 13.24 0.08
CA ILE A 85 0.37 14.37 0.65
C ILE A 85 0.61 15.67 -0.12
N ASN A 86 1.60 15.74 -0.99
CA ASN A 86 1.84 16.91 -1.82
C ASN A 86 1.28 16.78 -3.24
N ASN A 87 0.49 15.72 -3.51
CA ASN A 87 0.04 15.46 -4.86
C ASN A 87 -1.44 15.15 -4.82
N THR A 88 -2.27 16.18 -5.06
CA THR A 88 -3.72 15.98 -5.03
C THR A 88 -4.24 14.94 -6.01
N LYS A 89 -3.66 14.89 -7.24
CA LYS A 89 -4.11 13.91 -8.22
C LYS A 89 -3.84 12.48 -7.71
N SER A 90 -2.75 12.26 -6.97
CA SER A 90 -2.53 10.88 -6.46
C SER A 90 -3.59 10.47 -5.43
N PHE A 91 -4.09 11.47 -4.67
CA PHE A 91 -5.13 11.23 -3.67
C PHE A 91 -6.44 10.98 -4.41
N GLU A 92 -6.74 11.78 -5.44
CA GLU A 92 -7.98 11.59 -6.20
C GLU A 92 -7.99 10.21 -6.86
N ASP A 93 -6.82 9.67 -7.24
CA ASP A 93 -6.77 8.38 -7.89
C ASP A 93 -7.03 7.19 -7.00
N ILE A 94 -7.03 7.38 -5.66
CA ILE A 94 -7.21 6.28 -4.73
C ILE A 94 -8.48 5.48 -5.03
N HIS A 95 -9.58 6.16 -5.34
CA HIS A 95 -10.82 5.43 -5.66
C HIS A 95 -10.64 4.41 -6.77
N HIS A 96 -9.89 4.80 -7.81
CA HIS A 96 -9.61 3.86 -8.91
C HIS A 96 -8.92 2.60 -8.45
N TYR A 97 -7.86 2.76 -7.63
CA TYR A 97 -7.11 1.57 -7.22
C TYR A 97 -7.98 0.69 -6.32
N ARG A 98 -8.76 1.31 -5.41
CA ARG A 98 -9.63 0.50 -4.54
C ARG A 98 -10.65 -0.25 -5.37
N GLU A 99 -11.21 0.41 -6.42
CA GLU A 99 -12.16 -0.27 -7.28
C GLU A 99 -11.56 -1.43 -8.06
N GLN A 100 -10.32 -1.26 -8.56
CA GLN A 100 -9.69 -2.35 -9.28
C GLN A 100 -9.44 -3.54 -8.40
N ILE A 101 -9.01 -3.30 -7.15
CA ILE A 101 -8.79 -4.39 -6.19
C ILE A 101 -10.12 -5.11 -5.94
N LYS A 102 -11.17 -4.35 -5.65
CA LYS A 102 -12.48 -4.99 -5.42
C LYS A 102 -12.95 -5.79 -6.65
N ARG A 103 -12.64 -5.31 -7.86
CA ARG A 103 -13.07 -6.00 -9.09
C ARG A 103 -12.32 -7.37 -9.23
N VAL A 104 -10.99 -7.38 -9.09
CA VAL A 104 -10.24 -8.63 -9.24
C VAL A 104 -10.43 -9.60 -8.07
N LYS A 105 -10.66 -9.08 -6.85
CA LYS A 105 -10.82 -9.94 -5.68
C LYS A 105 -12.26 -10.49 -5.57
N ASP A 106 -13.22 -9.91 -6.35
CA ASP A 106 -14.65 -10.22 -6.36
C ASP A 106 -15.18 -10.15 -4.94
N SER A 107 -14.88 -9.06 -4.23
CA SER A 107 -15.26 -8.89 -2.84
C SER A 107 -15.36 -7.41 -2.50
N GLU A 108 -16.22 -7.09 -1.54
CA GLU A 108 -16.41 -5.74 -1.05
C GLU A 108 -15.54 -5.43 0.19
N ASP A 109 -14.86 -6.43 0.83
CA ASP A 109 -14.13 -6.12 2.07
C ASP A 109 -12.68 -6.58 2.11
N VAL A 110 -11.96 -6.33 1.04
CA VAL A 110 -10.59 -6.74 0.90
C VAL A 110 -9.73 -5.94 1.87
N PRO A 111 -8.81 -6.58 2.63
CA PRO A 111 -7.92 -5.85 3.53
C PRO A 111 -7.11 -4.77 2.77
N MET A 112 -7.25 -3.54 3.26
CA MET A 112 -6.55 -2.38 2.68
C MET A 112 -6.18 -1.38 3.74
N VAL A 113 -5.14 -0.59 3.51
CA VAL A 113 -4.79 0.51 4.36
C VAL A 113 -4.53 1.69 3.47
N LEU A 114 -5.01 2.85 3.85
CA LEU A 114 -4.75 4.11 3.09
C LEU A 114 -3.50 4.73 3.67
N VAL A 115 -2.50 5.02 2.77
CA VAL A 115 -1.21 5.52 3.25
C VAL A 115 -0.95 6.87 2.61
N GLY A 116 -0.77 7.90 3.46
CA GLY A 116 -0.42 9.23 2.99
C GLY A 116 1.06 9.45 3.20
N ASN A 117 1.84 9.33 2.10
CA ASN A 117 3.27 9.38 2.15
C ASN A 117 3.85 10.75 1.84
N LYS A 118 5.17 10.89 2.16
CA LYS A 118 5.90 12.17 2.03
C LYS A 118 5.49 13.15 3.10
N SER A 119 5.17 12.61 4.30
N SER A 119 5.11 12.63 4.30
CA SER A 119 4.74 13.40 5.45
CA SER A 119 4.68 13.53 5.38
C SER A 119 5.83 14.28 6.02
C SER A 119 5.79 14.46 5.87
N ASP A 120 7.05 14.19 5.53
CA ASP A 120 8.17 15.04 5.94
C ASP A 120 8.18 16.35 5.10
N LEU A 121 7.47 16.41 3.96
CA LEU A 121 7.53 17.59 3.08
C LEU A 121 6.67 18.70 3.57
N PRO A 122 7.10 19.95 3.40
CA PRO A 122 6.25 21.07 3.82
C PRO A 122 5.16 21.45 2.80
N SER A 123 5.29 21.05 1.53
CA SER A 123 4.36 21.42 0.45
C SER A 123 3.07 20.57 0.39
N ARG A 124 2.40 20.42 1.53
CA ARG A 124 1.18 19.63 1.59
C ARG A 124 0.00 20.25 0.83
N THR A 125 -0.72 19.45 0.07
CA THR A 125 -1.95 19.82 -0.65
C THR A 125 -3.16 18.99 -0.17
N VAL A 126 -2.91 17.82 0.46
CA VAL A 126 -3.99 16.98 0.96
C VAL A 126 -3.93 17.02 2.46
N ASP A 127 -5.03 17.51 3.11
CA ASP A 127 -5.04 17.58 4.55
C ASP A 127 -5.32 16.25 5.19
N THR A 128 -4.78 16.05 6.40
CA THR A 128 -4.99 14.83 7.16
C THR A 128 -6.47 14.50 7.31
N LYS A 129 -7.31 15.53 7.53
CA LYS A 129 -8.73 15.30 7.69
C LYS A 129 -9.40 14.76 6.39
N GLN A 130 -9.00 15.23 5.19
CA GLN A 130 -9.56 14.68 3.94
C GLN A 130 -9.21 13.18 3.86
N ALA A 131 -7.97 12.85 4.23
CA ALA A 131 -7.56 11.45 4.11
C ALA A 131 -8.27 10.57 5.15
N GLN A 132 -8.44 11.08 6.37
CA GLN A 132 -9.13 10.33 7.42
C GLN A 132 -10.59 10.10 7.00
N ASP A 133 -11.22 11.12 6.36
CA ASP A 133 -12.60 10.99 5.92
C ASP A 133 -12.72 9.94 4.81
N LEU A 134 -11.76 9.92 3.89
CA LEU A 134 -11.79 8.92 2.83
C LEU A 134 -11.61 7.53 3.39
N ALA A 135 -10.67 7.35 4.32
CA ALA A 135 -10.45 6.02 4.92
C ALA A 135 -11.71 5.58 5.70
N ARG A 136 -12.37 6.51 6.39
CA ARG A 136 -13.60 6.18 7.15
C ARG A 136 -14.67 5.74 6.16
N SER A 137 -14.78 6.41 5.01
CA SER A 137 -15.79 6.03 4.00
C SER A 137 -15.57 4.61 3.47
N TYR A 138 -14.33 4.15 3.47
CA TYR A 138 -13.99 2.81 3.03
C TYR A 138 -13.98 1.79 4.17
N GLY A 139 -14.06 2.24 5.43
CA GLY A 139 -13.94 1.35 6.57
C GLY A 139 -12.53 0.79 6.74
N ILE A 140 -11.50 1.60 6.39
CA ILE A 140 -10.11 1.10 6.51
C ILE A 140 -9.25 2.05 7.29
N PRO A 141 -8.10 1.62 7.81
CA PRO A 141 -7.22 2.54 8.51
C PRO A 141 -6.53 3.52 7.56
N PHE A 142 -6.12 4.67 8.11
CA PHE A 142 -5.27 5.67 7.45
C PHE A 142 -3.99 5.83 8.26
N ILE A 143 -2.81 5.66 7.59
CA ILE A 143 -1.51 5.81 8.26
C ILE A 143 -0.72 6.88 7.46
N GLU A 144 -0.15 7.87 8.15
CA GLU A 144 0.73 8.88 7.61
C GLU A 144 2.13 8.32 7.62
N THR A 145 2.84 8.44 6.51
CA THR A 145 4.19 7.91 6.44
C THR A 145 5.16 8.88 5.84
N SER A 146 6.46 8.65 6.12
CA SER A 146 7.51 9.25 5.33
C SER A 146 8.49 8.13 5.06
N ALA A 147 8.76 7.82 3.81
CA ALA A 147 9.82 6.86 3.47
C ALA A 147 11.19 7.52 3.75
N LYS A 148 11.27 8.85 3.75
CA LYS A 148 12.50 9.54 3.99
C LYS A 148 12.96 9.38 5.44
N THR A 149 12.05 9.64 6.41
CA THR A 149 12.47 9.57 7.81
C THR A 149 12.11 8.25 8.48
N ARG A 150 11.35 7.39 7.79
CA ARG A 150 10.78 6.13 8.26
C ARG A 150 9.56 6.30 9.14
N GLN A 151 9.08 7.53 9.33
CA GLN A 151 7.84 7.71 10.10
C GLN A 151 6.70 6.83 9.51
N GLY A 152 6.07 6.07 10.40
CA GLY A 152 4.89 5.29 10.03
C GLY A 152 5.12 4.07 9.19
N VAL A 153 6.35 3.80 8.68
CA VAL A 153 6.56 2.71 7.72
C VAL A 153 6.17 1.34 8.26
N ASP A 154 6.69 0.95 9.41
CA ASP A 154 6.32 -0.36 9.99
C ASP A 154 4.87 -0.35 10.33
N ASP A 155 4.33 0.75 10.81
CA ASP A 155 2.93 0.84 11.18
C ASP A 155 2.05 0.61 9.98
N ALA A 156 2.39 1.13 8.79
CA ALA A 156 1.53 0.91 7.62
C ALA A 156 1.50 -0.56 7.28
N PHE A 157 2.65 -1.26 7.12
CA PHE A 157 2.67 -2.66 6.79
C PHE A 157 2.08 -3.54 7.87
N TYR A 158 2.40 -3.26 9.12
CA TYR A 158 1.90 -4.11 10.19
C TYR A 158 0.40 -3.95 10.35
N THR A 159 -0.10 -2.73 10.18
CA THR A 159 -1.56 -2.52 10.24
C THR A 159 -2.26 -3.28 9.13
N LEU A 160 -1.64 -3.37 7.96
CA LEU A 160 -2.26 -4.16 6.89
C LEU A 160 -2.28 -5.64 7.24
N VAL A 161 -1.22 -6.14 7.91
CA VAL A 161 -1.26 -7.56 8.34
C VAL A 161 -2.38 -7.75 9.37
N ARG A 162 -2.59 -6.78 10.27
CA ARG A 162 -3.68 -6.91 11.26
C ARG A 162 -5.03 -6.88 10.52
N GLU A 163 -5.19 -6.11 9.46
CA GLU A 163 -6.43 -6.09 8.68
C GLU A 163 -6.66 -7.44 8.03
N ILE A 164 -5.60 -8.09 7.51
CA ILE A 164 -5.75 -9.42 6.93
C ILE A 164 -6.17 -10.41 8.02
N ARG A 165 -5.57 -10.36 9.17
CA ARG A 165 -5.95 -11.30 10.29
C ARG A 165 -7.38 -11.08 10.67
N LYS A 166 -7.85 -9.83 10.72
CA LYS A 166 -9.28 -9.60 11.05
C LYS A 166 -10.19 -10.19 9.97
N HIS A 167 -9.78 -10.09 8.70
CA HIS A 167 -10.58 -10.62 7.60
C HIS A 167 -10.65 -12.12 7.66
N LYS A 168 -9.57 -12.78 8.06
CA LYS A 168 -9.54 -14.24 8.15
C LYS A 168 -10.46 -14.78 9.24
N GLU A 169 -10.76 -13.94 10.25
CA GLU A 169 -11.65 -14.30 11.37
C GLU A 169 -13.11 -14.27 11.01
N LYS A 170 -13.47 -13.48 9.96
CA LYS A 170 -14.87 -13.37 9.59
C LYS A 170 -15.49 -14.71 9.20
MG MG B . 8.44 2.41 -7.92
C1 A1I9F C . -2.38 -0.84 -9.73
C2 A1I9F C . -3.30 -1.58 -9.90
C3 A1I9F C . -4.33 -2.58 -9.98
C41 A1I9F C . 0.71 1.46 -12.98
C43 A1I9F C . 3.47 3.61 -13.22
C45 A1I9F C . 3.89 4.78 -14.06
C47 A1I9F C . 5.43 3.76 -15.50
C49 A1I9F C . 5.37 4.83 -14.54
C50 A1I9F C . 6.45 4.67 -13.44
C51 A1I9F C . 5.55 6.21 -15.27
C52 A1I9F C . 6.94 6.39 -15.98
C53 A1I9F C . -4.69 -3.24 -11.18
C55 A1I9F C . 8.37 8.31 -16.91
C57 A1I9F C . 8.12 6.39 -18.26
C58 A1I9F C . 6.88 5.91 -17.45
C11 A1I9F C . -4.41 -3.68 -13.57
C12 A1I9F C . -4.12 -2.89 -12.44
C13 A1I9F C . -3.46 -1.61 -12.73
C15 A1I9F C . -1.58 -0.42 -13.51
C16 A1I9F C . -2.19 0.79 -13.29
C17 A1I9F C . -1.60 2.02 -13.63
C19 A1I9F C . -3.65 3.04 -13.35
C21 A1I9F C . -3.55 0.79 -12.93
C22 A1I9F C . -4.15 -0.43 -12.61
C25 A1I9F C . -3.78 5.39 -13.59
C26 A1I9F C . -4.91 6.41 -13.78
C27 A1I9F C . -4.24 7.77 -14.05
C28 A1I9F C . -4.20 7.90 -15.60
C29 A1I9F C . -5.52 7.21 -15.99
C4 A1I9F C . -4.94 -2.95 -8.80
C5 A1I9F C . -5.75 -4.07 -8.71
C6 A1I9F C . -6.08 -4.75 -9.87
C7 A1I9F C . -5.49 -4.38 -11.10
C8 A1I9F C . -5.77 -5.17 -12.24
C9 A1I9F C . -5.19 -4.81 -13.45
O10 A1I9F C . -5.44 -5.61 -14.59
N14 A1I9F C . -2.21 -1.58 -13.25
N18 A1I9F C . -2.35 3.14 -13.66
N20 A1I9F C . -4.24 1.93 -12.92
F23 A1I9F C . -5.44 -0.41 -12.19
O24 A1I9F C . -4.40 4.16 -13.35
N30 A1I9F C . -5.66 6.07 -15.03
C31 A1I9F C . -7.00 5.62 -14.63
C32 A1I9F C . -7.29 6.45 -13.37
F33 A1I9F C . -7.55 7.78 -13.69
C34 A1I9F C . -5.95 6.39 -12.60
N35 A1I9F C . -0.27 2.23 -13.80
C36 A1I9F C . 0.23 3.43 -14.47
C37 A1I9F C . 1.07 4.31 -13.55
C38 A1I9F C . 0.33 4.55 -12.21
C39 A1I9F C . 0.67 3.33 -11.32
C40 A1I9F C . 1.60 2.42 -12.15
N42 A1I9F C . 2.14 3.43 -13.05
O44 A1I9F C . 4.28 2.76 -12.77
O46 A1I9F C . 4.47 3.69 -16.42
O48 A1I9F C . 6.35 2.97 -15.47
C54 A1I9F C . 7.16 7.93 -16.00
O56 A1I9F C . 8.17 7.82 -18.24
F59 A1I9F C . -4.54 -2.33 -7.68
PB GDP D . 6.94 5.14 -6.85
O1B GDP D . 7.61 3.82 -6.75
O2B GDP D . 5.56 5.27 -6.17
O3B GDP D . 6.91 5.66 -8.34
O3A GDP D . 7.76 6.26 -6.07
PA GDP D . 9.30 6.31 -5.61
O1A GDP D . 9.59 5.47 -4.44
O2A GDP D . 10.14 6.07 -6.93
O5' GDP D . 9.47 7.81 -5.19
C5' GDP D . 9.32 8.88 -6.11
C4' GDP D . 10.22 10.06 -5.63
O4' GDP D . 9.75 10.55 -4.37
C3' GDP D . 11.69 9.67 -5.43
O3' GDP D . 12.45 10.84 -5.77
C2' GDP D . 11.76 9.38 -3.91
O2' GDP D . 13.06 9.51 -3.28
C1' GDP D . 10.77 10.41 -3.36
N9 GDP D . 10.15 9.98 -2.09
C8 GDP D . 9.47 8.85 -1.91
N7 GDP D . 8.96 8.79 -0.71
C5 GDP D . 9.36 9.98 -0.05
C6 GDP D . 9.07 10.54 1.20
O6 GDP D . 8.37 10.00 2.05
N1 GDP D . 9.54 11.81 1.39
C2 GDP D . 10.30 12.47 0.45
N2 GDP D . 10.72 13.66 0.81
N3 GDP D . 10.55 11.99 -0.72
C4 GDP D . 10.05 10.68 -0.99
#